data_3FCD
#
_entry.id   3FCD
#
_cell.length_a   45.630
_cell.length_b   37.277
_cell.length_c   72.117
_cell.angle_alpha   90.00
_cell.angle_beta   98.70
_cell.angle_gamma   90.00
#
_symmetry.space_group_name_H-M   'P 1 21 1'
#
loop_
_entity.id
_entity.type
_entity.pdbx_description
1 polymer Lyase
2 water water
#
_entity_poly.entity_id   1
_entity_poly.type   'polypeptide(L)'
_entity_poly.pdbx_seq_one_letter_code
;(MSE)SLSDIHQITPFLHIPD(MSE)QEALTLFCDTLGFELKYRHSNYAYLELSGCGLRLLEEPARKIIPDGIARVAICI
DVSDIDSLHTKLSPALENLPADQVEPLKN(MSE)PYGQREFQVR(MSE)PDGDWLNFTAPLAEGHHHHHH
;
_entity_poly.pdbx_strand_id   A,B
#
# COMPACT_ATOMS: atom_id res chain seq x y z
N ILE A 6 13.51 0.31 7.22
CA ILE A 6 12.17 0.32 6.57
C ILE A 6 12.34 0.00 5.08
N HIS A 7 12.02 -1.23 4.71
CA HIS A 7 12.18 -1.68 3.33
C HIS A 7 11.07 -1.33 2.36
N GLN A 8 9.82 -1.47 2.78
CA GLN A 8 8.68 -1.14 1.92
C GLN A 8 7.38 -1.13 2.70
N ILE A 9 6.35 -0.54 2.09
CA ILE A 9 5.02 -0.48 2.66
C ILE A 9 4.15 -1.19 1.63
N THR A 10 3.64 -2.36 1.96
CA THR A 10 2.83 -3.06 0.98
C THR A 10 1.36 -3.08 1.32
N PRO A 11 0.51 -2.88 0.31
CA PRO A 11 -0.92 -2.91 0.57
C PRO A 11 -1.19 -4.40 0.85
N PHE A 12 -2.23 -4.71 1.62
CA PHE A 12 -2.56 -6.11 1.89
C PHE A 12 -4.04 -6.21 1.53
N LEU A 13 -4.30 -6.77 0.36
CA LEU A 13 -5.66 -6.90 -0.15
C LEU A 13 -6.30 -8.23 0.22
N HIS A 14 -7.61 -8.20 0.43
CA HIS A 14 -8.37 -9.38 0.78
C HIS A 14 -9.34 -9.58 -0.37
N ILE A 15 -9.07 -10.59 -1.20
CA ILE A 15 -9.86 -10.85 -2.39
C ILE A 15 -10.67 -12.14 -2.39
N PRO A 16 -11.80 -12.14 -3.14
CA PRO A 16 -12.76 -13.24 -3.31
C PRO A 16 -12.20 -14.54 -3.89
N ASP A 17 -11.32 -14.41 -4.86
CA ASP A 17 -10.75 -15.60 -5.52
C ASP A 17 -9.28 -15.38 -5.90
N MSE A 18 -8.40 -16.24 -5.41
CA MSE A 18 -6.99 -16.11 -5.71
C MSE A 18 -6.62 -16.16 -7.18
O MSE A 18 -5.90 -15.31 -7.67
CB MSE A 18 -6.17 -17.17 -4.96
CG MSE A 18 -4.67 -16.95 -5.05
SE MSE A 18 -4.06 -15.23 -4.35
CE MSE A 18 -4.12 -15.63 -2.47
N GLN A 19 -7.11 -17.16 -7.90
CA GLN A 19 -6.77 -17.27 -9.31
C GLN A 19 -7.18 -16.03 -10.10
N GLU A 20 -8.38 -15.50 -9.83
CA GLU A 20 -8.85 -14.32 -10.53
C GLU A 20 -7.98 -13.11 -10.21
N ALA A 21 -7.53 -13.03 -8.95
CA ALA A 21 -6.69 -11.93 -8.52
C ALA A 21 -5.28 -12.07 -9.11
N LEU A 22 -4.80 -13.30 -9.25
CA LEU A 22 -3.46 -13.48 -9.81
C LEU A 22 -3.49 -13.15 -11.30
N THR A 23 -4.59 -13.48 -11.96
CA THR A 23 -4.73 -13.19 -13.37
C THR A 23 -4.67 -11.68 -13.59
N LEU A 24 -5.35 -10.92 -12.73
CA LEU A 24 -5.32 -9.47 -12.86
C LEU A 24 -3.93 -8.89 -12.59
N PHE A 25 -3.43 -9.09 -11.37
CA PHE A 25 -2.12 -8.54 -11.03
C PHE A 25 -0.92 -9.07 -11.81
N CYS A 26 -0.83 -10.37 -11.99
CA CYS A 26 0.29 -10.96 -12.70
C CYS A 26 0.16 -10.92 -14.21
N ASP A 27 -0.88 -11.55 -14.75
CA ASP A 27 -1.08 -11.60 -16.19
C ASP A 27 -1.44 -10.28 -16.85
N THR A 28 -2.21 -9.44 -16.17
CA THR A 28 -2.61 -8.17 -16.76
C THR A 28 -1.70 -6.99 -16.38
N LEU A 29 -1.42 -6.83 -15.09
CA LEU A 29 -0.60 -5.71 -14.63
C LEU A 29 0.90 -5.97 -14.58
N GLY A 30 1.32 -7.22 -14.69
CA GLY A 30 2.75 -7.52 -14.69
C GLY A 30 3.43 -7.90 -13.40
N PHE A 31 2.66 -8.15 -12.34
CA PHE A 31 3.27 -8.55 -11.06
C PHE A 31 3.82 -9.96 -11.14
N GLU A 32 4.77 -10.25 -10.26
CA GLU A 32 5.37 -11.58 -10.16
C GLU A 32 4.99 -12.23 -8.84
N LEU A 33 4.48 -13.46 -8.90
CA LEU A 33 4.10 -14.18 -7.69
C LEU A 33 5.43 -14.66 -7.10
N LYS A 34 5.69 -14.32 -5.84
CA LYS A 34 6.94 -14.71 -5.19
C LYS A 34 6.76 -15.80 -4.15
N TYR A 35 5.55 -15.94 -3.63
CA TYR A 35 5.29 -16.97 -2.64
C TYR A 35 3.81 -17.11 -2.46
N ARG A 36 3.36 -18.34 -2.27
CA ARG A 36 1.96 -18.59 -2.04
C ARG A 36 1.78 -19.76 -1.08
N HIS A 37 0.77 -19.65 -0.20
CA HIS A 37 0.47 -20.71 0.76
C HIS A 37 -0.93 -20.55 1.32
N SER A 38 -1.74 -21.58 1.13
CA SER A 38 -3.11 -21.56 1.59
C SER A 38 -3.79 -20.47 0.78
N ASN A 39 -4.39 -19.52 1.47
CA ASN A 39 -5.06 -18.43 0.78
C ASN A 39 -4.22 -17.15 0.77
N TYR A 40 -2.95 -17.27 1.13
CA TYR A 40 -2.05 -16.11 1.15
C TYR A 40 -1.05 -16.12 0.00
N ALA A 41 -0.77 -14.94 -0.53
CA ALA A 41 0.19 -14.80 -1.63
C ALA A 41 0.94 -13.49 -1.53
N TYR A 42 2.21 -13.51 -1.93
CA TYR A 42 3.04 -12.31 -1.92
C TYR A 42 3.63 -12.09 -3.31
N LEU A 43 3.29 -10.95 -3.92
CA LEU A 43 3.79 -10.64 -5.25
C LEU A 43 4.61 -9.37 -5.24
N GLU A 44 5.32 -9.13 -6.34
CA GLU A 44 6.14 -7.94 -6.49
C GLU A 44 6.06 -7.42 -7.91
N LEU A 45 6.06 -6.09 -8.03
CA LEU A 45 6.05 -5.43 -9.31
C LEU A 45 7.35 -4.62 -9.30
N SER A 46 8.32 -5.03 -10.12
CA SER A 46 9.59 -4.34 -10.16
C SER A 46 10.16 -4.21 -8.73
N GLY A 47 10.08 -5.30 -7.97
CA GLY A 47 10.61 -5.31 -6.61
C GLY A 47 9.75 -4.69 -5.52
N CYS A 48 8.59 -4.16 -5.89
CA CYS A 48 7.70 -3.54 -4.90
C CYS A 48 6.63 -4.55 -4.48
N GLY A 49 6.51 -4.76 -3.17
CA GLY A 49 5.57 -5.74 -2.67
C GLY A 49 4.08 -5.43 -2.63
N LEU A 50 3.31 -6.50 -2.75
CA LEU A 50 1.85 -6.47 -2.69
C LEU A 50 1.44 -7.82 -2.11
N ARG A 51 0.65 -7.81 -1.05
CA ARG A 51 0.20 -9.03 -0.41
C ARG A 51 -1.27 -9.28 -0.70
N LEU A 52 -1.66 -10.56 -0.80
CA LEU A 52 -3.03 -10.93 -1.07
C LEU A 52 -3.51 -12.05 -0.15
N LEU A 53 -4.79 -12.01 0.20
CA LEU A 53 -5.41 -13.04 1.03
C LEU A 53 -6.79 -13.32 0.47
N GLU A 54 -7.09 -14.59 0.23
CA GLU A 54 -8.41 -14.95 -0.30
C GLU A 54 -9.43 -15.17 0.77
N GLU A 55 -10.52 -14.45 0.65
CA GLU A 55 -11.63 -14.52 1.58
C GLU A 55 -12.88 -14.78 0.75
N PRO A 56 -13.10 -16.05 0.35
CA PRO A 56 -14.23 -16.48 -0.47
C PRO A 56 -15.55 -15.70 -0.32
N ALA A 66 -12.73 -6.20 10.25
CA ALA A 66 -11.47 -5.46 10.16
C ALA A 66 -10.29 -6.43 10.06
N ARG A 67 -9.29 -6.06 9.27
CA ARG A 67 -8.10 -6.89 9.11
C ARG A 67 -6.89 -6.06 8.68
N VAL A 68 -5.76 -6.73 8.44
CA VAL A 68 -4.53 -6.07 8.02
C VAL A 68 -4.60 -5.63 6.57
N ALA A 69 -4.54 -4.32 6.36
CA ALA A 69 -4.60 -3.73 5.03
C ALA A 69 -3.25 -3.17 4.61
N ILE A 70 -2.31 -3.09 5.56
CA ILE A 70 -0.98 -2.58 5.27
C ILE A 70 0.05 -3.40 6.03
N CYS A 71 1.13 -3.73 5.33
CA CYS A 71 2.24 -4.48 5.92
C CYS A 71 3.52 -3.73 5.65
N ILE A 72 4.22 -3.33 6.71
CA ILE A 72 5.47 -2.61 6.56
C ILE A 72 6.65 -3.55 6.86
N ASP A 73 7.37 -3.93 5.81
CA ASP A 73 8.51 -4.83 5.92
C ASP A 73 9.73 -4.09 6.45
N VAL A 74 10.29 -4.59 7.56
CA VAL A 74 11.46 -3.96 8.15
C VAL A 74 12.51 -4.98 8.57
N SER A 75 13.65 -4.47 9.00
CA SER A 75 14.74 -5.29 9.49
C SER A 75 14.91 -4.86 10.95
N ASP A 76 15.35 -5.76 11.81
CA ASP A 76 15.54 -5.43 13.22
C ASP A 76 14.25 -4.79 13.77
N ILE A 77 13.16 -5.53 13.70
CA ILE A 77 11.88 -5.02 14.18
C ILE A 77 11.90 -4.80 15.69
N ASP A 78 12.82 -5.45 16.39
CA ASP A 78 12.92 -5.27 17.83
C ASP A 78 13.41 -3.88 18.19
N SER A 79 14.37 -3.36 17.44
CA SER A 79 14.89 -2.01 17.71
C SER A 79 13.82 -0.96 17.38
N LEU A 80 13.10 -1.20 16.29
CA LEU A 80 12.05 -0.27 15.86
C LEU A 80 10.93 -0.22 16.89
N HIS A 81 10.51 -1.38 17.38
CA HIS A 81 9.45 -1.43 18.37
C HIS A 81 9.84 -0.60 19.58
N THR A 82 11.09 -0.75 20.02
CA THR A 82 11.59 0.00 21.16
C THR A 82 11.50 1.50 20.93
N LYS A 83 11.84 1.94 19.73
CA LYS A 83 11.79 3.38 19.41
C LYS A 83 10.36 3.93 19.38
N LEU A 84 9.41 3.11 18.95
CA LEU A 84 8.02 3.54 18.88
C LEU A 84 7.23 3.27 20.18
N SER A 85 7.78 2.41 21.04
CA SER A 85 7.12 2.02 22.29
C SER A 85 6.48 3.13 23.12
N PRO A 86 7.23 4.20 23.43
CA PRO A 86 6.67 5.30 24.22
C PRO A 86 5.38 5.86 23.61
N ALA A 87 5.39 6.07 22.29
CA ALA A 87 4.22 6.61 21.59
C ALA A 87 3.12 5.56 21.48
N LEU A 88 3.51 4.31 21.32
CA LEU A 88 2.53 3.23 21.21
C LEU A 88 1.78 3.09 22.54
N GLU A 89 2.45 3.45 23.63
CA GLU A 89 1.85 3.37 24.97
C GLU A 89 0.72 4.39 25.17
N ASN A 90 0.62 5.38 24.30
CA ASN A 90 -0.44 6.38 24.42
C ASN A 90 -1.67 6.02 23.61
N LEU A 91 -1.60 4.93 22.85
CA LEU A 91 -2.73 4.50 22.03
C LEU A 91 -3.68 3.64 22.84
N PRO A 92 -4.96 3.57 22.43
CA PRO A 92 -5.93 2.75 23.16
C PRO A 92 -5.38 1.33 23.19
N ALA A 93 -5.41 0.72 24.36
CA ALA A 93 -4.90 -0.64 24.54
C ALA A 93 -5.33 -1.65 23.49
N ASP A 94 -6.59 -1.61 23.07
CA ASP A 94 -7.09 -2.56 22.08
C ASP A 94 -6.71 -2.20 20.64
N GLN A 95 -5.99 -1.10 20.48
CA GLN A 95 -5.57 -0.67 19.16
C GLN A 95 -4.10 -0.93 18.88
N VAL A 96 -3.48 -1.72 19.76
CA VAL A 96 -2.08 -2.07 19.60
C VAL A 96 -1.80 -3.49 20.09
N GLU A 97 -0.94 -4.19 19.36
CA GLU A 97 -0.56 -5.54 19.71
C GLU A 97 0.94 -5.60 19.94
N PRO A 98 1.40 -6.35 20.95
CA PRO A 98 2.82 -6.45 21.26
C PRO A 98 3.59 -7.29 20.24
N LEU A 99 4.91 -7.27 20.33
CA LEU A 99 5.75 -8.05 19.44
C LEU A 99 5.42 -9.51 19.68
N LYS A 100 5.33 -10.29 18.61
CA LYS A 100 5.03 -11.71 18.75
C LYS A 100 5.52 -12.51 17.55
N ASN A 101 6.11 -13.67 17.81
CA ASN A 101 6.61 -14.54 16.74
C ASN A 101 5.47 -15.35 16.14
N MSE A 102 5.30 -15.25 14.83
CA MSE A 102 4.22 -15.95 14.15
C MSE A 102 4.60 -17.28 13.54
O MSE A 102 5.72 -17.47 13.05
CB MSE A 102 3.64 -15.02 13.08
CG MSE A 102 3.44 -13.58 13.55
SE MSE A 102 2.27 -13.36 15.10
CE MSE A 102 0.64 -14.00 14.30
N PRO A 103 3.67 -18.25 13.57
CA PRO A 103 3.88 -19.59 13.02
C PRO A 103 4.25 -19.58 11.54
N TYR A 104 4.04 -18.43 10.88
CA TYR A 104 4.37 -18.33 9.46
C TYR A 104 5.72 -17.67 9.17
N GLY A 105 6.63 -17.75 10.14
CA GLY A 105 7.97 -17.22 9.95
C GLY A 105 8.26 -15.74 10.03
N GLN A 106 7.40 -14.97 10.69
CA GLN A 106 7.62 -13.53 10.81
C GLN A 106 7.46 -13.10 12.26
N ARG A 107 8.17 -12.04 12.64
CA ARG A 107 8.05 -11.45 13.97
C ARG A 107 7.33 -10.15 13.65
N GLU A 108 6.19 -9.92 14.30
CA GLU A 108 5.41 -8.72 13.99
C GLU A 108 4.72 -8.11 15.18
N PHE A 109 4.32 -6.85 15.01
CA PHE A 109 3.52 -6.15 16.00
C PHE A 109 2.52 -5.36 15.18
N GLN A 110 1.37 -5.04 15.76
CA GLN A 110 0.32 -4.36 15.01
C GLN A 110 -0.26 -3.13 15.65
N VAL A 111 -0.81 -2.26 14.81
CA VAL A 111 -1.43 -1.02 15.23
C VAL A 111 -2.71 -0.82 14.39
N ARG A 112 -3.80 -0.44 15.05
CA ARG A 112 -5.04 -0.21 14.34
C ARG A 112 -4.99 1.16 13.68
N MSE A 113 -5.51 1.25 12.45
CA MSE A 113 -5.50 2.50 11.71
C MSE A 113 -6.80 3.28 11.88
O MSE A 113 -7.81 2.71 12.28
CB MSE A 113 -5.22 2.22 10.22
CG MSE A 113 -3.99 1.34 10.03
SE MSE A 113 -3.40 1.28 8.21
CE MSE A 113 -4.82 0.19 7.48
N PRO A 114 -6.80 4.58 11.54
CA PRO A 114 -8.00 5.41 11.67
C PRO A 114 -9.21 4.96 10.86
N ASP A 115 -9.01 4.06 9.89
CA ASP A 115 -10.14 3.60 9.10
C ASP A 115 -10.71 2.30 9.63
N GLY A 116 -10.17 1.82 10.75
CA GLY A 116 -10.67 0.59 11.34
C GLY A 116 -9.85 -0.64 10.99
N ASP A 117 -9.15 -0.61 9.86
CA ASP A 117 -8.31 -1.74 9.48
C ASP A 117 -7.00 -1.65 10.26
N TRP A 118 -6.18 -2.69 10.16
CA TRP A 118 -4.90 -2.75 10.87
C TRP A 118 -3.64 -2.63 10.03
N LEU A 119 -2.56 -2.23 10.69
CA LEU A 119 -1.27 -2.09 10.05
C LEU A 119 -0.26 -3.02 10.73
N ASN A 120 0.56 -3.67 9.93
CA ASN A 120 1.57 -4.60 10.40
C ASN A 120 2.99 -4.10 10.15
N PHE A 121 3.87 -4.36 11.11
CA PHE A 121 5.29 -4.08 10.97
C PHE A 121 5.74 -5.52 11.05
N THR A 122 6.50 -5.98 10.07
CA THR A 122 6.90 -7.38 10.07
C THR A 122 8.32 -7.63 9.59
N ALA A 123 8.90 -8.72 10.06
CA ALA A 123 10.26 -9.11 9.69
C ALA A 123 10.47 -10.60 9.91
N PRO A 124 11.26 -11.24 9.04
CA PRO A 124 11.49 -12.68 9.21
C PRO A 124 12.30 -12.86 10.49
N LEU A 125 12.18 -14.03 11.14
CA LEU A 125 12.93 -14.29 12.37
C LEU A 125 14.41 -14.09 12.08
N ALA A 126 15.13 -13.46 13.01
CA ALA A 126 16.56 -13.19 12.80
C ALA A 126 17.45 -14.40 13.11
N GLU A 127 18.64 -14.15 13.66
CA GLU A 127 19.58 -15.23 13.97
C GLU A 127 18.96 -16.31 14.83
N GLY A 128 19.45 -17.54 14.66
CA GLY A 128 18.96 -18.64 15.45
C GLY A 128 17.75 -19.38 14.92
N HIS A 129 17.19 -18.92 13.81
CA HIS A 129 16.01 -19.60 13.25
C HIS A 129 16.17 -20.09 11.83
N HIS A 130 15.37 -21.10 11.50
CA HIS A 130 15.35 -21.65 10.16
C HIS A 130 14.61 -20.58 9.35
N HIS A 131 15.13 -20.22 8.18
CA HIS A 131 14.52 -19.19 7.35
C HIS A 131 13.92 -19.80 6.08
N ILE B 6 8.80 1.90 -12.52
CA ILE B 6 7.95 1.58 -11.33
C ILE B 6 8.69 1.92 -10.04
N HIS B 7 8.32 3.07 -9.46
CA HIS B 7 8.95 3.58 -8.24
C HIS B 7 8.51 2.91 -6.93
N GLN B 8 7.21 2.99 -6.62
CA GLN B 8 6.68 2.42 -5.39
C GLN B 8 5.17 2.15 -5.47
N ILE B 9 4.68 1.35 -4.53
CA ILE B 9 3.28 1.01 -4.43
C ILE B 9 2.79 1.58 -3.10
N THR B 10 1.94 2.59 -3.13
CA THR B 10 1.47 3.17 -1.89
C THR B 10 0.01 2.87 -1.58
N PRO B 11 -0.28 2.53 -0.31
CA PRO B 11 -1.67 2.26 0.04
C PRO B 11 -2.28 3.66 0.01
N PHE B 12 -3.57 3.78 -0.26
CA PHE B 12 -4.24 5.08 -0.27
C PHE B 12 -5.39 4.90 0.70
N LEU B 13 -5.21 5.42 1.91
CA LEU B 13 -6.21 5.28 2.95
C LEU B 13 -7.20 6.45 2.94
N HIS B 14 -8.43 6.14 3.33
CA HIS B 14 -9.49 7.15 3.40
C HIS B 14 -9.91 7.19 4.86
N ILE B 15 -9.55 8.28 5.53
CA ILE B 15 -9.83 8.43 6.95
C ILE B 15 -10.76 9.61 7.28
N PRO B 16 -11.49 9.52 8.41
CA PRO B 16 -12.43 10.56 8.85
C PRO B 16 -11.87 11.87 9.38
N ASP B 17 -10.67 11.85 9.94
CA ASP B 17 -10.08 13.06 10.51
C ASP B 17 -8.59 13.16 10.19
N MSE B 18 -8.22 14.10 9.31
CA MSE B 18 -6.82 14.26 8.92
C MSE B 18 -5.87 14.49 10.09
O MSE B 18 -4.77 13.90 10.12
CB MSE B 18 -6.69 15.42 7.92
CG MSE B 18 -5.28 15.59 7.33
SE MSE B 18 -4.57 14.00 6.44
CE MSE B 18 -5.60 14.08 4.80
N GLN B 19 -6.25 15.34 11.04
CA GLN B 19 -5.37 15.62 12.16
C GLN B 19 -5.14 14.37 13.00
N GLU B 20 -6.19 13.60 13.23
CA GLU B 20 -6.05 12.37 14.01
C GLU B 20 -5.16 11.38 13.25
N ALA B 21 -5.36 11.30 11.93
CA ALA B 21 -4.57 10.40 11.10
C ALA B 21 -3.10 10.79 11.16
N LEU B 22 -2.83 12.09 11.08
CA LEU B 22 -1.45 12.55 11.13
C LEU B 22 -0.86 12.29 12.52
N THR B 23 -1.70 12.38 13.55
CA THR B 23 -1.25 12.12 14.91
C THR B 23 -0.74 10.68 15.04
N LEU B 24 -1.43 9.75 14.38
CA LEU B 24 -1.04 8.35 14.43
C LEU B 24 0.19 8.09 13.56
N PHE B 25 0.04 8.33 12.26
CA PHE B 25 1.12 8.07 11.33
C PHE B 25 2.38 8.89 11.51
N CYS B 26 2.25 10.17 11.81
CA CYS B 26 3.43 11.00 11.97
C CYS B 26 4.01 11.00 13.38
N ASP B 27 3.22 11.47 14.33
CA ASP B 27 3.65 11.56 15.72
C ASP B 27 3.85 10.22 16.43
N THR B 28 3.07 9.21 16.07
CA THR B 28 3.20 7.92 16.72
C THR B 28 4.06 6.90 15.97
N LEU B 29 3.86 6.79 14.67
CA LEU B 29 4.59 5.84 13.86
C LEU B 29 5.86 6.38 13.18
N GLY B 30 6.07 7.69 13.27
CA GLY B 30 7.27 8.27 12.69
C GLY B 30 7.26 8.67 11.23
N PHE B 31 6.09 8.62 10.59
CA PHE B 31 5.98 9.00 9.20
C PHE B 31 6.26 10.49 9.10
N GLU B 32 6.82 10.91 7.97
CA GLU B 32 7.10 12.30 7.75
C GLU B 32 6.08 12.85 6.75
N LEU B 33 5.45 13.96 7.09
CA LEU B 33 4.49 14.55 6.18
C LEU B 33 5.30 15.28 5.11
N LYS B 34 5.18 14.82 3.87
CA LYS B 34 5.93 15.43 2.77
C LYS B 34 5.16 16.49 2.01
N TYR B 35 3.92 16.18 1.66
CA TYR B 35 3.12 17.11 0.89
C TYR B 35 1.65 17.10 1.31
N ARG B 36 1.00 18.25 1.17
CA ARG B 36 -0.39 18.35 1.52
C ARG B 36 -1.12 19.44 0.76
N HIS B 37 -2.29 19.09 0.22
CA HIS B 37 -3.15 20.00 -0.53
C HIS B 37 -4.60 19.61 -0.24
N SER B 38 -5.38 20.57 0.28
CA SER B 38 -6.78 20.35 0.62
C SER B 38 -6.94 19.21 1.63
N ASN B 39 -7.69 18.17 1.27
CA ASN B 39 -7.89 17.04 2.17
C ASN B 39 -7.03 15.84 1.79
N TYR B 40 -5.98 16.10 1.02
CA TYR B 40 -5.07 15.03 0.58
C TYR B 40 -3.72 15.19 1.27
N ALA B 41 -3.09 14.06 1.60
CA ALA B 41 -1.79 14.07 2.26
C ALA B 41 -0.91 12.97 1.73
N TYR B 42 0.39 13.26 1.61
CA TYR B 42 1.37 12.28 1.14
C TYR B 42 2.48 12.18 2.18
N LEU B 43 2.61 10.99 2.76
CA LEU B 43 3.62 10.76 3.80
C LEU B 43 4.65 9.75 3.36
N GLU B 44 5.80 9.76 4.06
CA GLU B 44 6.88 8.81 3.79
C GLU B 44 7.52 8.34 5.08
N LEU B 45 7.77 7.04 5.16
CA LEU B 45 8.44 6.45 6.31
C LEU B 45 9.74 5.99 5.69
N SER B 46 10.83 6.67 6.03
CA SER B 46 12.13 6.33 5.47
C SER B 46 12.04 6.20 3.96
N GLY B 47 11.30 7.10 3.33
CA GLY B 47 11.18 7.10 1.87
C GLY B 47 9.98 6.40 1.25
N CYS B 48 9.41 5.43 1.96
CA CYS B 48 8.26 4.70 1.44
C CYS B 48 6.97 5.52 1.59
N GLY B 49 6.27 5.72 0.47
CA GLY B 49 5.07 6.52 0.47
C GLY B 49 3.75 5.92 0.95
N LEU B 50 2.90 6.80 1.47
CA LEU B 50 1.58 6.47 1.98
C LEU B 50 0.69 7.69 1.71
N ARG B 51 -0.45 7.46 1.07
CA ARG B 51 -1.36 8.54 0.75
C ARG B 51 -2.59 8.53 1.64
N LEU B 52 -3.07 9.72 2.00
CA LEU B 52 -4.23 9.84 2.85
C LEU B 52 -5.23 10.81 2.24
N LEU B 53 -6.51 10.50 2.40
CA LEU B 53 -7.57 11.36 1.88
C LEU B 53 -8.60 11.44 2.98
N GLU B 54 -8.91 12.64 3.44
CA GLU B 54 -9.89 12.78 4.51
C GLU B 54 -11.30 12.70 3.96
N GLU B 55 -12.09 11.80 4.53
CA GLU B 55 -13.49 11.61 4.14
C GLU B 55 -14.30 11.58 5.42
N PRO B 56 -14.70 12.77 5.91
CA PRO B 56 -15.49 12.93 7.13
C PRO B 56 -16.63 11.92 7.27
N ALA B 66 -16.91 2.68 -4.42
CA ALA B 66 -15.55 2.27 -4.70
C ALA B 66 -14.61 3.47 -4.68
N ARG B 67 -13.43 3.26 -4.13
CA ARG B 67 -12.43 4.29 -4.01
C ARG B 67 -11.06 3.76 -4.39
N VAL B 68 -10.09 4.65 -4.54
CA VAL B 68 -8.74 4.24 -4.87
C VAL B 68 -8.04 3.79 -3.59
N ALA B 69 -7.61 2.54 -3.54
CA ALA B 69 -6.94 2.02 -2.36
C ALA B 69 -5.45 1.84 -2.56
N ILE B 70 -5.01 1.87 -3.81
CA ILE B 70 -3.59 1.72 -4.11
C ILE B 70 -3.20 2.68 -5.22
N CYS B 71 -2.01 3.27 -5.08
CA CYS B 71 -1.46 4.18 -6.07
C CYS B 71 -0.05 3.74 -6.41
N ILE B 72 0.20 3.47 -7.68
CA ILE B 72 1.53 3.04 -8.08
C ILE B 72 2.22 4.19 -8.83
N ASP B 73 3.28 4.73 -8.20
CA ASP B 73 4.06 5.83 -8.77
C ASP B 73 5.04 5.28 -9.80
N VAL B 74 5.02 5.84 -11.00
CA VAL B 74 5.91 5.39 -12.06
C VAL B 74 6.45 6.54 -12.88
N SER B 75 7.46 6.24 -13.68
CA SER B 75 8.05 7.20 -14.60
C SER B 75 7.57 6.73 -15.97
N ASP B 76 7.40 7.67 -16.89
CA ASP B 76 6.94 7.34 -18.24
C ASP B 76 5.74 6.40 -18.18
N ILE B 77 4.61 6.94 -17.75
CA ILE B 77 3.40 6.14 -17.63
C ILE B 77 2.84 5.76 -19.01
N ASP B 78 3.22 6.50 -20.04
CA ASP B 78 2.76 6.19 -21.39
C ASP B 78 3.37 4.89 -21.90
N SER B 79 4.68 4.71 -21.69
CA SER B 79 5.30 3.47 -22.15
C SER B 79 4.74 2.29 -21.35
N LEU B 80 4.45 2.52 -20.07
CA LEU B 80 3.88 1.46 -19.23
C LEU B 80 2.48 1.12 -19.72
N HIS B 81 1.68 2.15 -19.99
CA HIS B 81 0.31 1.95 -20.46
C HIS B 81 0.29 1.18 -21.78
N THR B 82 1.24 1.47 -22.66
CA THR B 82 1.32 0.80 -23.95
C THR B 82 1.68 -0.67 -23.76
N LYS B 83 2.64 -0.93 -22.89
CA LYS B 83 3.09 -2.29 -22.60
C LYS B 83 1.90 -3.12 -22.09
N LEU B 84 1.09 -2.53 -21.24
CA LEU B 84 -0.06 -3.21 -20.66
C LEU B 84 -1.34 -3.16 -21.50
N SER B 85 -1.39 -2.26 -22.48
CA SER B 85 -2.58 -2.08 -23.32
C SER B 85 -3.31 -3.33 -23.83
N PRO B 86 -2.59 -4.28 -24.44
CA PRO B 86 -3.26 -5.50 -24.94
C PRO B 86 -4.02 -6.24 -23.85
N ALA B 87 -3.42 -6.32 -22.67
CA ALA B 87 -4.06 -7.00 -21.54
C ALA B 87 -5.21 -6.17 -20.96
N LEU B 88 -5.04 -4.85 -20.94
CA LEU B 88 -6.07 -3.95 -20.41
C LEU B 88 -7.32 -3.97 -21.31
N GLU B 89 -7.13 -4.31 -22.58
CA GLU B 89 -8.23 -4.39 -23.54
C GLU B 89 -9.15 -5.57 -23.22
N ASN B 90 -8.65 -6.53 -22.43
CA ASN B 90 -9.44 -7.69 -22.07
C ASN B 90 -10.22 -7.54 -20.76
N LEU B 91 -10.05 -6.41 -20.09
CA LEU B 91 -10.77 -6.16 -18.83
C LEU B 91 -12.15 -5.61 -19.15
N PRO B 92 -13.14 -5.87 -18.28
CA PRO B 92 -14.48 -5.35 -18.54
C PRO B 92 -14.33 -3.83 -18.73
N ALA B 93 -15.04 -3.26 -19.71
CA ALA B 93 -14.94 -1.83 -19.98
C ALA B 93 -15.11 -0.92 -18.77
N ASP B 94 -15.97 -1.31 -17.83
CA ASP B 94 -16.21 -0.49 -16.65
C ASP B 94 -15.20 -0.74 -15.53
N GLN B 95 -14.16 -1.53 -15.82
CA GLN B 95 -13.14 -1.81 -14.82
C GLN B 95 -11.77 -1.22 -15.17
N VAL B 96 -11.77 -0.31 -16.13
CA VAL B 96 -10.54 0.37 -16.55
C VAL B 96 -10.83 1.78 -17.06
N GLU B 97 -9.91 2.70 -16.79
CA GLU B 97 -10.03 4.08 -17.24
C GLU B 97 -8.81 4.41 -18.09
N PRO B 98 -8.98 5.27 -19.11
CA PRO B 98 -7.87 5.64 -19.99
C PRO B 98 -6.93 6.68 -19.36
N LEU B 99 -5.77 6.85 -19.97
CA LEU B 99 -4.80 7.83 -19.49
C LEU B 99 -5.43 9.22 -19.50
N LYS B 100 -5.25 9.96 -18.41
CA LYS B 100 -5.81 11.30 -18.32
C LYS B 100 -4.94 12.23 -17.47
N ASN B 101 -4.69 13.42 -18.01
CA ASN B 101 -3.90 14.43 -17.31
C ASN B 101 -4.83 15.03 -16.26
N MSE B 102 -4.44 14.91 -15.00
CA MSE B 102 -5.26 15.41 -13.91
C MSE B 102 -4.95 16.83 -13.47
O MSE B 102 -3.83 17.32 -13.62
CB MSE B 102 -5.14 14.49 -12.70
CG MSE B 102 -5.45 13.03 -12.98
SE MSE B 102 -7.21 12.81 -13.70
CE MSE B 102 -6.97 11.12 -14.61
N PRO B 103 -5.96 17.54 -12.92
CA PRO B 103 -5.83 18.91 -12.43
C PRO B 103 -4.72 19.08 -11.40
N TYR B 104 -4.48 18.05 -10.60
CA TYR B 104 -3.46 18.14 -9.56
C TYR B 104 -2.00 17.85 -9.97
N GLY B 105 -1.74 17.90 -11.27
CA GLY B 105 -0.38 17.70 -11.75
C GLY B 105 0.17 16.31 -11.95
N GLN B 106 -0.70 15.32 -12.10
CA GLN B 106 -0.26 13.95 -12.34
C GLN B 106 -1.00 13.38 -13.54
N ARG B 107 -0.35 12.49 -14.28
CA ARG B 107 -0.98 11.82 -15.42
C ARG B 107 -1.24 10.44 -14.84
N GLU B 108 -2.41 9.86 -15.12
CA GLU B 108 -2.69 8.56 -14.54
C GLU B 108 -3.79 7.79 -15.26
N PHE B 109 -3.89 6.50 -14.95
CA PHE B 109 -4.96 5.66 -15.49
C PHE B 109 -5.36 4.71 -14.38
N GLN B 110 -6.59 4.21 -14.44
CA GLN B 110 -7.08 3.35 -13.37
C GLN B 110 -7.57 1.98 -13.78
N VAL B 111 -7.48 1.03 -12.84
CA VAL B 111 -7.92 -0.34 -13.03
C VAL B 111 -8.63 -0.78 -11.75
N ARG B 112 -9.77 -1.43 -11.88
CA ARG B 112 -10.50 -1.86 -10.68
C ARG B 112 -9.95 -3.19 -10.19
N MSE B 113 -9.80 -3.32 -8.87
CA MSE B 113 -9.27 -4.53 -8.28
C MSE B 113 -10.37 -5.50 -7.87
O MSE B 113 -11.53 -5.13 -7.80
CB MSE B 113 -8.40 -4.16 -7.07
CG MSE B 113 -7.37 -3.10 -7.39
SE MSE B 113 -6.15 -2.76 -5.95
CE MSE B 113 -7.37 -1.85 -4.74
N PRO B 114 -9.99 -6.76 -7.60
CA PRO B 114 -10.90 -7.83 -7.20
C PRO B 114 -11.76 -7.53 -5.97
N ASP B 115 -11.27 -6.68 -5.07
CA ASP B 115 -12.06 -6.36 -3.88
C ASP B 115 -13.03 -5.22 -4.13
N GLY B 116 -13.05 -4.67 -5.34
CA GLY B 116 -13.99 -3.58 -5.61
C GLY B 116 -13.41 -2.18 -5.53
N ASP B 117 -12.24 -2.04 -4.93
CA ASP B 117 -11.61 -0.73 -4.88
C ASP B 117 -10.81 -0.56 -6.16
N TRP B 118 -10.27 0.63 -6.38
CA TRP B 118 -9.50 0.90 -7.57
C TRP B 118 -8.02 1.05 -7.31
N LEU B 119 -7.26 0.84 -8.38
CA LEU B 119 -5.81 0.98 -8.35
C LEU B 119 -5.46 2.08 -9.33
N ASN B 120 -4.55 2.96 -8.90
CA ASN B 120 -4.09 4.08 -9.70
C ASN B 120 -2.63 3.90 -10.13
N PHE B 121 -2.35 4.27 -11.37
CA PHE B 121 -0.97 4.26 -11.88
C PHE B 121 -0.83 5.76 -12.04
N THR B 122 0.28 6.33 -11.57
CA THR B 122 0.43 7.78 -11.67
C THR B 122 1.85 8.29 -11.80
N ALA B 123 2.02 9.34 -12.58
CA ALA B 123 3.32 9.95 -12.81
C ALA B 123 3.12 11.47 -12.90
N PRO B 124 4.10 12.25 -12.40
CA PRO B 124 3.96 13.70 -12.48
C PRO B 124 4.05 14.16 -13.94
N LEU B 125 3.37 15.25 -14.27
CA LEU B 125 3.40 15.77 -15.64
C LEU B 125 4.81 16.22 -16.03
N ALA B 126 5.21 15.96 -17.27
CA ALA B 126 6.55 16.34 -17.72
C ALA B 126 6.59 17.75 -18.30
N GLU B 127 7.35 17.93 -19.37
CA GLU B 127 7.48 19.25 -19.98
C GLU B 127 6.16 19.85 -20.47
N GLY B 128 6.10 21.17 -20.49
CA GLY B 128 4.90 21.85 -20.95
C GLY B 128 3.82 22.05 -19.91
N HIS B 129 4.06 21.62 -18.67
CA HIS B 129 3.05 21.78 -17.63
C HIS B 129 3.55 22.41 -16.35
N HIS B 130 2.61 22.94 -15.59
CA HIS B 130 2.91 23.52 -14.29
C HIS B 130 3.20 22.32 -13.40
N HIS B 131 4.33 22.36 -12.70
CA HIS B 131 4.71 21.27 -11.80
C HIS B 131 4.49 21.76 -10.37
N HIS B 132 3.75 20.98 -9.59
CA HIS B 132 3.46 21.32 -8.20
C HIS B 132 4.53 20.79 -7.26
N HIS B 133 4.92 21.59 -6.28
CA HIS B 133 5.94 21.20 -5.32
C HIS B 133 5.29 20.84 -3.98
#